data_5N8J
#
_entry.id   5N8J
#
_cell.length_a   46.665
_cell.length_b   84.878
_cell.length_c   57.754
_cell.angle_alpha   90.00
_cell.angle_beta   99.10
_cell.angle_gamma   90.00
#
_symmetry.space_group_name_H-M   'P 1 21 1'
#
loop_
_entity.id
_entity.type
_entity.pdbx_description
1 polymer Streptavidin
2 polymer GLY-DTY-GLY-DLE-DAL-DSG-DVA-DAS-DGL-DSN-DSN-GLY
3 non-polymer 'ISOPROPYL ALCOHOL'
4 water water
#
loop_
_entity_poly.entity_id
_entity_poly.type
_entity_poly.pdbx_seq_one_letter_code
_entity_poly.pdbx_strand_id
1 'polypeptide(L)'
;MRKIVVAAIAVSLTTVSITASASADPSKDSKAQVSAAEAGITGTWYNQLGSTFIVTAGADGALTGTYESAVGNAESRYVL
TGRYDSAPATDGSGTALGWTVAWKNNYRNAHSATTWSGQYVGGAEARINTQWLLTSGTTEANAWKSTLVGHDTFTKVKPS
AASIDAAKKAGVNNGNPLDAVQQ
;
A,B,C,D
2 'polypeptide(D)' G(DTY)G(DLE)(DAL)(DSG)(DVA)(DAS)(DGL)(DSN)(DSN)G P,O,E
#
loop_
_chem_comp.id
_chem_comp.type
_chem_comp.name
_chem_comp.formula
IPA non-polymer 'ISOPROPYL ALCOHOL' 'C3 H8 O'
#
# COMPACT_ATOMS: atom_id res chain seq x y z
N GLU A 38 31.21 -5.55 -0.22
CA GLU A 38 30.35 -6.77 -0.08
C GLU A 38 28.87 -6.47 -0.31
N ALA A 39 28.28 -5.67 0.57
CA ALA A 39 26.83 -5.43 0.55
C ALA A 39 26.38 -4.58 -0.65
N GLY A 40 27.22 -3.65 -1.08
CA GLY A 40 26.96 -2.80 -2.26
C GLY A 40 26.04 -1.59 -2.05
N ILE A 41 25.64 -1.38 -0.81
CA ILE A 41 24.61 -0.43 -0.46
C ILE A 41 25.20 0.92 -0.05
N THR A 42 26.34 0.94 0.64
CA THR A 42 26.92 2.19 1.07
C THR A 42 27.18 3.11 -0.12
N GLY A 43 26.78 4.36 0.02
CA GLY A 43 27.01 5.38 -0.99
C GLY A 43 25.79 6.23 -1.25
N THR A 44 25.81 6.87 -2.43
CA THR A 44 24.78 7.83 -2.82
C THR A 44 23.86 7.19 -3.84
N TRP A 45 22.57 7.33 -3.59
CA TRP A 45 21.52 6.78 -4.46
C TRP A 45 20.58 7.90 -4.90
N TYR A 46 20.01 7.72 -6.08
CA TYR A 46 19.16 8.73 -6.69
CA TYR A 46 19.15 8.74 -6.72
C TYR A 46 17.90 8.08 -7.25
N ASN A 47 16.74 8.71 -7.07
CA ASN A 47 15.60 8.32 -7.93
C ASN A 47 15.66 9.16 -9.26
N GLN A 48 14.78 8.85 -10.22
CA GLN A 48 14.77 9.54 -11.52
C GLN A 48 14.39 11.02 -11.41
N LEU A 49 13.60 11.36 -10.37
CA LEU A 49 13.34 12.76 -10.05
C LEU A 49 14.51 13.43 -9.34
N GLY A 50 15.50 12.65 -8.94
CA GLY A 50 16.72 13.18 -8.41
C GLY A 50 16.78 13.35 -6.91
N SER A 51 15.74 12.94 -6.18
CA SER A 51 15.86 12.88 -4.73
C SER A 51 17.01 11.94 -4.42
N THR A 52 17.77 12.29 -3.39
CA THR A 52 19.09 11.73 -3.17
C THR A 52 19.21 11.26 -1.74
N PHE A 53 19.71 10.04 -1.56
CA PHE A 53 20.20 9.68 -0.23
C PHE A 53 21.60 9.13 -0.21
N ILE A 54 22.32 9.44 0.87
CA ILE A 54 23.65 8.96 1.12
C ILE A 54 23.48 8.12 2.36
N VAL A 55 23.95 6.91 2.28
CA VAL A 55 23.77 5.94 3.33
C VAL A 55 25.06 5.19 3.58
N THR A 56 25.27 4.80 4.83
CA THR A 56 26.28 3.84 5.21
C THR A 56 25.57 2.59 5.72
N ALA A 57 25.92 1.45 5.13
CA ALA A 57 25.41 0.15 5.53
C ALA A 57 26.46 -0.46 6.49
N GLY A 58 26.14 -0.46 7.79
CA GLY A 58 27.05 -0.92 8.82
C GLY A 58 27.15 -2.42 8.82
N ALA A 59 28.26 -2.93 9.33
CA ALA A 59 28.46 -4.37 9.41
C ALA A 59 27.44 -5.04 10.33
N ASP A 60 26.79 -4.24 11.18
CA ASP A 60 25.77 -4.67 12.14
C ASP A 60 24.33 -4.71 11.59
N GLY A 61 24.14 -4.42 10.31
CA GLY A 61 22.80 -4.35 9.73
C GLY A 61 22.16 -2.96 9.76
N ALA A 62 22.88 -1.95 10.25
CA ALA A 62 22.33 -0.59 10.34
C ALA A 62 22.42 0.11 8.99
N LEU A 63 21.44 0.97 8.75
CA LEU A 63 21.50 1.99 7.70
C LEU A 63 21.45 3.33 8.39
N THR A 64 22.39 4.23 8.05
CA THR A 64 22.40 5.58 8.60
CA THR A 64 22.43 5.55 8.62
C THR A 64 22.81 6.54 7.51
N GLY A 65 22.17 7.70 7.47
CA GLY A 65 22.54 8.69 6.48
C GLY A 65 21.60 9.85 6.43
N THR A 66 21.45 10.39 5.22
CA THR A 66 20.63 11.57 4.99
C THR A 66 19.82 11.38 3.71
N TYR A 67 18.70 12.09 3.65
CA TYR A 67 17.80 12.09 2.49
C TYR A 67 17.57 13.54 2.14
N GLU A 68 17.61 13.87 0.87
CA GLU A 68 17.48 15.28 0.44
C GLU A 68 16.84 15.36 -0.93
N SER A 69 16.41 16.56 -1.30
CA SER A 69 15.88 16.78 -2.62
C SER A 69 16.98 16.84 -3.69
N ALA A 70 16.58 16.85 -4.96
CA ALA A 70 17.53 17.03 -6.06
C ALA A 70 18.29 18.36 -6.00
N VAL A 71 17.71 19.39 -5.37
CA VAL A 71 18.37 20.69 -5.21
C VAL A 71 19.54 20.60 -4.25
N GLY A 72 19.37 19.82 -3.18
CA GLY A 72 20.44 19.57 -2.22
C GLY A 72 20.69 20.71 -1.25
N ASN A 73 19.75 21.64 -1.12
CA ASN A 73 19.86 22.68 -0.10
C ASN A 73 19.63 22.09 1.29
N ALA A 74 20.25 22.70 2.31
CA ALA A 74 20.13 22.21 3.69
C ALA A 74 18.70 22.09 4.22
N GLU A 75 17.82 22.98 3.78
CA GLU A 75 16.44 22.96 4.25
C GLU A 75 15.72 21.71 3.76
N SER A 76 16.25 21.06 2.71
CA SER A 76 15.67 19.82 2.18
C SER A 76 16.30 18.52 2.69
N ARG A 77 17.25 18.60 3.61
CA ARG A 77 18.02 17.43 4.06
C ARG A 77 17.54 16.96 5.42
N TYR A 78 17.34 15.65 5.54
CA TYR A 78 16.79 15.05 6.74
C TYR A 78 17.57 13.79 7.11
N VAL A 79 17.52 13.45 8.39
CA VAL A 79 18.15 12.23 8.91
C VAL A 79 17.39 10.97 8.44
N LEU A 80 18.13 9.96 8.01
CA LEU A 80 17.63 8.62 7.58
C LEU A 80 18.21 7.57 8.53
N THR A 81 17.37 6.64 9.00
CA THR A 81 17.84 5.51 9.77
CA THR A 81 17.87 5.48 9.71
C THR A 81 17.06 4.27 9.34
N GLY A 82 17.72 3.13 9.25
CA GLY A 82 17.04 1.91 8.89
C GLY A 82 17.87 0.67 9.15
N ARG A 83 17.46 -0.42 8.51
CA ARG A 83 18.08 -1.73 8.69
C ARG A 83 18.13 -2.46 7.37
N TYR A 84 19.12 -3.34 7.22
CA TYR A 84 19.18 -4.20 6.06
C TYR A 84 19.65 -5.57 6.48
N ASP A 85 19.35 -6.56 5.65
CA ASP A 85 19.84 -7.91 5.84
C ASP A 85 21.33 -7.98 5.52
N SER A 86 22.14 -8.13 6.56
CA SER A 86 23.59 -8.15 6.39
C SER A 86 24.14 -9.53 5.99
N ALA A 87 23.29 -10.54 5.88
CA ALA A 87 23.73 -11.85 5.40
C ALA A 87 22.66 -12.37 4.43
N PRO A 88 22.55 -11.74 3.25
CA PRO A 88 21.51 -12.13 2.31
C PRO A 88 21.72 -13.53 1.77
N ALA A 89 20.67 -14.08 1.15
CA ALA A 89 20.76 -15.37 0.49
C ALA A 89 21.76 -15.29 -0.65
N THR A 90 22.29 -16.46 -1.02
CA THR A 90 23.29 -16.56 -2.10
C THR A 90 22.70 -17.16 -3.38
N ASP A 91 21.37 -17.15 -3.49
CA ASP A 91 20.65 -17.83 -4.58
C ASP A 91 20.22 -16.88 -5.72
N GLY A 92 20.75 -15.65 -5.73
CA GLY A 92 20.37 -14.65 -6.71
C GLY A 92 19.27 -13.71 -6.25
N SER A 93 18.76 -13.92 -5.04
CA SER A 93 17.74 -13.03 -4.46
C SER A 93 18.35 -11.69 -4.06
N GLY A 94 17.52 -10.66 -4.06
CA GLY A 94 17.89 -9.36 -3.58
C GLY A 94 18.09 -9.29 -2.07
N THR A 95 18.59 -8.16 -1.61
CA THR A 95 18.86 -7.91 -0.19
C THR A 95 17.78 -7.01 0.39
N ALA A 96 16.99 -7.55 1.32
CA ALA A 96 15.91 -6.79 1.94
C ALA A 96 16.44 -5.66 2.80
N LEU A 97 15.72 -4.54 2.80
CA LEU A 97 16.10 -3.38 3.58
CA LEU A 97 16.10 -3.38 3.60
C LEU A 97 14.91 -2.46 3.78
N GLY A 98 15.05 -1.54 4.70
CA GLY A 98 14.08 -0.48 4.86
C GLY A 98 14.67 0.67 5.64
N TRP A 99 14.07 1.83 5.49
CA TRP A 99 14.49 2.99 6.28
C TRP A 99 13.35 3.96 6.48
N THR A 100 13.55 4.86 7.42
CA THR A 100 12.60 5.90 7.79
C THR A 100 13.25 7.26 7.73
N VAL A 101 12.47 8.22 7.28
CA VAL A 101 12.79 9.64 7.43
C VAL A 101 11.57 10.30 8.07
N ALA A 102 11.78 10.94 9.23
CA ALA A 102 10.77 11.86 9.76
C ALA A 102 11.06 13.22 9.17
N TRP A 103 10.05 13.89 8.63
CA TRP A 103 10.24 15.12 7.87
C TRP A 103 10.30 16.34 8.77
N LYS A 104 11.18 16.27 9.77
CA LYS A 104 11.55 17.40 10.61
C LYS A 104 13.06 17.56 10.51
N ASN A 105 13.50 18.78 10.26
CA ASN A 105 14.92 19.12 10.38
C ASN A 105 14.99 20.48 11.07
N ASN A 106 16.13 21.14 11.05
CA ASN A 106 16.26 22.41 11.76
C ASN A 106 15.48 23.58 11.08
N TYR A 107 14.95 23.33 9.88
CA TYR A 107 14.41 24.38 9.01
C TYR A 107 12.94 24.23 8.68
N ARG A 108 12.39 23.03 8.88
CA ARG A 108 11.00 22.76 8.55
C ARG A 108 10.52 21.56 9.32
N ASN A 109 9.21 21.49 9.52
CA ASN A 109 8.59 20.30 10.04
C ASN A 109 7.26 20.05 9.36
N ALA A 110 7.22 19.03 8.51
CA ALA A 110 5.99 18.62 7.83
C ALA A 110 5.05 17.78 8.69
N HIS A 111 5.47 17.39 9.88
CA HIS A 111 4.66 16.59 10.81
C HIS A 111 4.22 15.30 10.13
N SER A 112 5.22 14.54 9.70
CA SER A 112 5.01 13.35 8.89
C SER A 112 6.29 12.53 8.87
N ALA A 113 6.15 11.28 8.45
CA ALA A 113 7.31 10.38 8.31
C ALA A 113 7.04 9.43 7.17
N THR A 114 8.09 9.06 6.45
CA THR A 114 8.02 8.08 5.39
C THR A 114 8.90 6.90 5.68
N THR A 115 8.38 5.71 5.41
CA THR A 115 9.19 4.51 5.43
C THR A 115 9.25 3.91 4.05
N TRP A 116 10.47 3.56 3.62
CA TRP A 116 10.70 2.83 2.39
C TRP A 116 11.05 1.40 2.74
N SER A 117 10.38 0.45 2.09
CA SER A 117 10.62 -0.98 2.27
C SER A 117 10.96 -1.57 0.91
N GLY A 118 12.05 -2.31 0.79
CA GLY A 118 12.42 -2.78 -0.52
C GLY A 118 13.54 -3.78 -0.51
N GLN A 119 14.19 -3.89 -1.66
CA GLN A 119 15.34 -4.74 -1.76
C GLN A 119 16.36 -4.13 -2.71
N TYR A 120 17.63 -4.37 -2.37
CA TYR A 120 18.78 -4.02 -3.17
C TYR A 120 19.08 -5.19 -4.14
N VAL A 121 19.31 -4.83 -5.41
CA VAL A 121 19.60 -5.77 -6.50
C VAL A 121 20.96 -5.36 -7.07
N GLY A 122 21.93 -6.25 -6.94
CA GLY A 122 23.32 -5.95 -7.34
C GLY A 122 23.60 -5.93 -8.84
N GLY A 123 24.88 -5.70 -9.17
CA GLY A 123 25.36 -5.63 -10.57
C GLY A 123 25.88 -4.25 -10.96
N ALA A 124 26.29 -4.14 -12.22
CA ALA A 124 26.80 -2.87 -12.76
C ALA A 124 25.76 -1.74 -12.74
N GLU A 125 24.48 -2.11 -12.80
CA GLU A 125 23.39 -1.16 -12.74
C GLU A 125 22.63 -1.55 -11.49
N ALA A 126 23.31 -1.44 -10.34
CA ALA A 126 22.71 -1.74 -9.05
C ALA A 126 21.48 -0.88 -8.86
N ARG A 127 20.49 -1.43 -8.19
CA ARG A 127 19.22 -0.75 -7.99
C ARG A 127 18.70 -1.08 -6.60
N ILE A 128 17.99 -0.12 -6.01
CA ILE A 128 17.19 -0.37 -4.83
C ILE A 128 15.74 -0.13 -5.24
N ASN A 129 14.92 -1.17 -5.17
CA ASN A 129 13.51 -1.10 -5.57
C ASN A 129 12.67 -1.06 -4.31
N THR A 130 11.86 0.00 -4.14
CA THR A 130 11.11 0.20 -2.92
C THR A 130 9.65 0.53 -3.14
N GLN A 131 8.88 0.32 -2.09
CA GLN A 131 7.55 0.90 -1.95
C GLN A 131 7.61 1.67 -0.64
N TRP A 132 6.77 2.71 -0.51
CA TRP A 132 6.87 3.60 0.65
C TRP A 132 5.49 3.99 1.16
N LEU A 133 5.48 4.37 2.43
CA LEU A 133 4.31 4.84 3.15
C LEU A 133 4.65 6.13 3.86
N LEU A 134 3.94 7.21 3.55
CA LEU A 134 4.11 8.50 4.21
C LEU A 134 2.91 8.74 5.08
N THR A 135 3.10 8.74 6.39
CA THR A 135 2.02 9.01 7.32
C THR A 135 2.21 10.44 7.85
N SER A 136 1.14 11.24 7.72
CA SER A 136 1.07 12.58 8.29
CA SER A 136 1.09 12.57 8.30
C SER A 136 0.34 12.49 9.64
N GLY A 137 0.81 13.26 10.62
CA GLY A 137 0.05 13.43 11.86
C GLY A 137 -1.30 14.08 11.54
N THR A 138 -2.39 13.47 11.99
CA THR A 138 -3.72 14.00 11.75
C THR A 138 -4.53 13.90 13.02
N THR A 139 -5.68 14.58 13.05
CA THR A 139 -6.71 14.27 14.04
C THR A 139 -7.35 12.93 13.67
N GLU A 140 -8.09 12.36 14.61
CA GLU A 140 -8.76 11.08 14.35
C GLU A 140 -9.79 11.20 13.23
N ALA A 141 -10.49 12.34 13.17
CA ALA A 141 -11.46 12.58 12.10
C ALA A 141 -10.83 12.56 10.72
N ASN A 142 -9.55 12.94 10.62
CA ASN A 142 -8.85 12.96 9.34
C ASN A 142 -7.90 11.78 9.11
N ALA A 143 -7.95 10.80 10.01
CA ALA A 143 -7.00 9.69 9.99
C ALA A 143 -7.17 8.80 8.78
N TRP A 144 -8.40 8.71 8.28
CA TRP A 144 -8.64 7.94 7.07
C TRP A 144 -7.78 8.40 5.87
N LYS A 145 -7.37 9.67 5.86
CA LYS A 145 -6.55 10.23 4.81
C LYS A 145 -5.11 10.61 5.29
N SER A 146 -4.62 9.91 6.30
CA SER A 146 -3.28 10.17 6.85
C SER A 146 -2.14 9.62 6.03
N THR A 147 -2.37 8.60 5.20
CA THR A 147 -1.25 7.81 4.68
C THR A 147 -1.25 7.74 3.16
N LEU A 148 -0.16 8.25 2.57
CA LEU A 148 0.12 8.08 1.17
C LEU A 148 0.99 6.83 0.93
N VAL A 149 0.80 6.21 -0.23
CA VAL A 149 1.63 5.07 -0.66
C VAL A 149 2.18 5.34 -2.05
N GLY A 150 3.41 4.91 -2.29
CA GLY A 150 4.02 5.03 -3.60
C GLY A 150 5.17 4.07 -3.76
N HIS A 151 5.94 4.28 -4.81
CA HIS A 151 7.10 3.45 -5.11
C HIS A 151 8.24 4.33 -5.57
N ASP A 152 9.44 3.92 -5.23
CA ASP A 152 10.68 4.61 -5.61
C ASP A 152 11.71 3.58 -6.02
N THR A 153 12.37 3.83 -7.15
CA THR A 153 13.50 3.01 -7.58
CA THR A 153 13.48 3.04 -7.64
C THR A 153 14.74 3.91 -7.66
N PHE A 154 15.80 3.43 -7.04
CA PHE A 154 17.02 4.19 -6.90
C PHE A 154 18.14 3.53 -7.65
N THR A 155 19.03 4.35 -8.19
CA THR A 155 20.28 3.85 -8.77
C THR A 155 21.43 4.72 -8.34
N LYS A 156 22.65 4.30 -8.64
CA LYS A 156 23.83 5.05 -8.23
C LYS A 156 24.19 6.20 -9.16
N VAL A 157 23.49 6.32 -10.27
CA VAL A 157 23.81 7.28 -11.31
C VAL A 157 22.93 8.51 -11.15
N LYS A 158 23.58 9.65 -10.89
CA LYS A 158 22.86 10.90 -10.78
C LYS A 158 22.16 11.20 -12.11
N PRO A 159 20.84 11.45 -12.08
CA PRO A 159 20.14 11.87 -13.29
C PRO A 159 20.32 13.36 -13.57
N ALA B 39 -22.94 -17.89 -0.18
CA ALA B 39 -21.79 -16.96 -0.32
C ALA B 39 -21.75 -15.91 0.79
N GLY B 40 -22.91 -15.44 1.22
CA GLY B 40 -23.01 -14.56 2.39
C GLY B 40 -22.68 -13.09 2.17
N ILE B 41 -22.37 -12.71 0.94
CA ILE B 41 -21.88 -11.37 0.64
C ILE B 41 -23.02 -10.41 0.28
N THR B 42 -23.98 -10.86 -0.49
CA THR B 42 -25.09 -10.00 -0.87
C THR B 42 -25.73 -9.37 0.36
N GLY B 43 -25.95 -8.06 0.29
CA GLY B 43 -26.63 -7.36 1.32
C GLY B 43 -26.00 -6.02 1.62
N THR B 44 -26.37 -5.49 2.77
CA THR B 44 -25.93 -4.20 3.22
C THR B 44 -24.85 -4.39 4.29
N TRP B 45 -23.78 -3.62 4.16
CA TRP B 45 -22.65 -3.70 5.07
C TRP B 45 -22.28 -2.28 5.50
N TYR B 46 -21.67 -2.22 6.69
CA TYR B 46 -21.35 -0.97 7.33
CA TYR B 46 -21.35 -0.97 7.32
C TYR B 46 -19.89 -1.00 7.74
N ASN B 47 -19.12 0.03 7.37
CA ASN B 47 -17.72 0.06 7.83
C ASN B 47 -17.62 0.60 9.27
N GLN B 48 -16.38 0.68 9.77
CA GLN B 48 -16.05 1.09 11.15
C GLN B 48 -16.51 2.50 11.51
N LEU B 49 -16.72 3.35 10.51
CA LEU B 49 -17.28 4.68 10.73
C LEU B 49 -18.68 4.83 10.14
N GLY B 50 -19.28 3.71 9.77
CA GLY B 50 -20.66 3.70 9.34
C GLY B 50 -20.91 3.98 7.87
N SER B 51 -19.89 4.23 7.05
CA SER B 51 -20.11 4.24 5.59
C SER B 51 -20.82 2.93 5.19
N THR B 52 -21.73 3.01 4.20
CA THR B 52 -22.65 1.92 3.86
C THR B 52 -22.40 1.38 2.45
N PHE B 53 -22.15 0.07 2.40
CA PHE B 53 -21.74 -0.70 1.22
C PHE B 53 -22.93 -1.61 0.93
N ILE B 54 -23.58 -1.37 -0.20
CA ILE B 54 -24.78 -2.11 -0.59
C ILE B 54 -24.42 -2.92 -1.83
N VAL B 55 -24.49 -4.25 -1.76
CA VAL B 55 -23.88 -5.06 -2.80
C VAL B 55 -24.73 -6.29 -3.13
N THR B 56 -24.71 -6.66 -4.41
CA THR B 56 -25.22 -7.95 -4.85
C THR B 56 -24.05 -8.74 -5.42
N ALA B 57 -23.89 -9.96 -4.89
CA ALA B 57 -22.89 -10.92 -5.37
C ALA B 57 -23.57 -11.86 -6.36
N GLY B 58 -23.32 -11.62 -7.65
CA GLY B 58 -23.99 -12.39 -8.71
C GLY B 58 -23.40 -13.76 -8.85
N ALA B 59 -24.16 -14.65 -9.47
CA ALA B 59 -23.72 -16.01 -9.62
C ALA B 59 -22.48 -16.19 -10.48
N ASP B 60 -22.21 -15.19 -11.34
CA ASP B 60 -21.05 -15.15 -12.23
C ASP B 60 -19.78 -14.56 -11.63
N GLY B 61 -19.77 -14.27 -10.33
CA GLY B 61 -18.62 -13.66 -9.68
C GLY B 61 -18.62 -12.15 -9.66
N ALA B 62 -19.70 -11.53 -10.14
CA ALA B 62 -19.79 -10.06 -10.16
C ALA B 62 -20.20 -9.51 -8.81
N LEU B 63 -19.67 -8.35 -8.48
CA LEU B 63 -20.21 -7.48 -7.44
C LEU B 63 -20.75 -6.22 -8.09
N THR B 64 -21.98 -5.84 -7.70
CA THR B 64 -22.60 -4.62 -8.21
CA THR B 64 -22.60 -4.63 -8.20
C THR B 64 -23.33 -3.97 -7.05
N GLY B 65 -23.35 -2.67 -7.01
CA GLY B 65 -24.09 -1.99 -5.93
C GLY B 65 -23.77 -0.52 -5.81
N THR B 66 -23.89 -0.02 -4.58
CA THR B 66 -23.65 1.38 -4.25
C THR B 66 -22.89 1.54 -2.95
N TYR B 67 -22.23 2.69 -2.85
CA TYR B 67 -21.45 3.03 -1.66
C TYR B 67 -21.85 4.43 -1.23
N GLU B 68 -22.08 4.63 0.08
CA GLU B 68 -22.53 5.92 0.64
C GLU B 68 -22.02 6.19 2.08
N SER B 69 -22.20 7.41 2.58
CA SER B 69 -21.74 7.75 3.96
C SER B 69 -22.73 7.21 5.01
N ALA B 70 -22.31 7.23 6.27
CA ALA B 70 -23.21 6.93 7.40
C ALA B 70 -24.48 7.79 7.44
N VAL B 71 -24.43 9.00 6.89
CA VAL B 71 -25.62 9.87 6.86
C VAL B 71 -26.73 9.28 6.00
N GLY B 72 -26.38 8.57 4.94
CA GLY B 72 -27.41 7.92 4.10
C GLY B 72 -28.07 8.79 3.04
N ASN B 73 -27.55 10.01 2.83
CA ASN B 73 -28.14 10.95 1.84
C ASN B 73 -27.71 10.64 0.40
N ALA B 74 -28.61 10.90 -0.56
CA ALA B 74 -28.41 10.55 -1.97
C ALA B 74 -27.18 11.18 -2.65
N GLU B 75 -26.82 12.39 -2.22
CA GLU B 75 -25.68 13.12 -2.77
C GLU B 75 -24.34 12.44 -2.45
N SER B 76 -24.34 11.60 -1.40
CA SER B 76 -23.17 10.84 -1.02
C SER B 76 -23.12 9.40 -1.59
N ARG B 77 -24.00 9.06 -2.55
CA ARG B 77 -24.12 7.68 -3.07
C ARG B 77 -23.50 7.51 -4.48
N TYR B 78 -22.67 6.47 -4.62
CA TYR B 78 -21.90 6.24 -5.84
C TYR B 78 -22.02 4.79 -6.29
N VAL B 79 -21.89 4.57 -7.59
CA VAL B 79 -21.90 3.22 -8.17
C VAL B 79 -20.61 2.47 -7.81
N LEU B 80 -20.73 1.18 -7.51
CA LEU B 80 -19.56 0.33 -7.44
C LEU B 80 -19.72 -0.90 -8.29
N THR B 81 -18.58 -1.45 -8.71
CA THR B 81 -18.54 -2.74 -9.35
C THR B 81 -17.27 -3.46 -8.94
N GLY B 82 -17.32 -4.78 -8.94
CA GLY B 82 -16.17 -5.58 -8.57
C GLY B 82 -16.36 -7.05 -8.88
N ARG B 83 -15.51 -7.87 -8.26
CA ARG B 83 -15.49 -9.32 -8.50
C ARG B 83 -15.24 -10.03 -7.18
N TYR B 84 -15.68 -11.27 -7.08
CA TYR B 84 -15.39 -12.10 -5.92
C TYR B 84 -15.18 -13.54 -6.36
N ASP B 85 -14.52 -14.30 -5.50
CA ASP B 85 -14.36 -15.74 -5.71
C ASP B 85 -15.70 -16.43 -5.46
N SER B 86 -16.33 -16.94 -6.52
CA SER B 86 -17.62 -17.59 -6.40
C SER B 86 -17.52 -19.05 -5.97
N ALA B 87 -16.31 -19.60 -5.83
CA ALA B 87 -16.12 -20.96 -5.33
C ALA B 87 -14.99 -20.96 -4.31
N PRO B 88 -15.18 -20.29 -3.16
CA PRO B 88 -14.09 -20.23 -2.17
C PRO B 88 -13.79 -21.58 -1.51
N ALA B 89 -12.64 -21.63 -0.85
CA ALA B 89 -12.28 -22.79 -0.06
C ALA B 89 -13.27 -22.96 1.10
N THR B 90 -13.41 -24.21 1.51
CA THR B 90 -14.27 -24.61 2.61
C THR B 90 -13.42 -25.12 3.79
N ASP B 91 -12.32 -24.41 4.07
CA ASP B 91 -11.34 -24.82 5.08
C ASP B 91 -11.16 -23.77 6.19
N GLY B 92 -12.09 -22.81 6.27
CA GLY B 92 -12.00 -21.70 7.20
C GLY B 92 -11.41 -20.44 6.60
N SER B 93 -10.92 -20.53 5.36
CA SER B 93 -10.37 -19.35 4.68
C SER B 93 -11.48 -18.41 4.27
N GLY B 94 -11.17 -17.13 4.21
CA GLY B 94 -12.08 -16.15 3.68
C GLY B 94 -12.28 -16.24 2.17
N THR B 95 -13.24 -15.45 1.69
CA THR B 95 -13.59 -15.38 0.29
C THR B 95 -13.00 -14.10 -0.29
N ALA B 96 -12.05 -14.21 -1.21
CA ALA B 96 -11.38 -13.05 -1.76
C ALA B 96 -12.36 -12.23 -2.63
N LEU B 97 -12.20 -10.92 -2.58
CA LEU B 97 -13.05 -10.01 -3.35
CA LEU B 97 -13.04 -10.02 -3.37
C LEU B 97 -12.40 -8.65 -3.50
N GLY B 98 -12.93 -7.88 -4.41
CA GLY B 98 -12.53 -6.47 -4.53
C GLY B 98 -13.58 -5.68 -5.27
N TRP B 99 -13.58 -4.36 -5.07
CA TRP B 99 -14.47 -3.50 -5.83
C TRP B 99 -13.88 -2.11 -5.96
N THR B 100 -14.47 -1.34 -6.89
CA THR B 100 -14.05 0.02 -7.19
C THR B 100 -15.24 0.96 -7.13
N VAL B 101 -14.99 2.15 -6.58
CA VAL B 101 -15.87 3.31 -6.73
C VAL B 101 -15.07 4.43 -7.37
N ALA B 102 -15.54 4.96 -8.50
CA ALA B 102 -15.06 6.27 -8.98
C ALA B 102 -15.96 7.31 -8.37
N TRP B 103 -15.36 8.32 -7.73
CA TRP B 103 -16.11 9.28 -6.90
C TRP B 103 -16.76 10.41 -7.75
N LYS B 104 -17.53 9.98 -8.76
CA LYS B 104 -18.35 10.85 -9.58
C LYS B 104 -19.77 10.31 -9.50
N ASN B 105 -20.71 11.19 -9.20
CA ASN B 105 -22.11 10.88 -9.33
C ASN B 105 -22.79 12.10 -9.98
N ASN B 106 -24.12 12.13 -10.01
CA ASN B 106 -24.83 13.26 -10.62
C ASN B 106 -24.66 14.57 -9.89
N TYR B 107 -24.16 14.54 -8.65
CA TYR B 107 -24.04 15.73 -7.82
C TYR B 107 -22.62 16.26 -7.79
N ARG B 108 -21.63 15.38 -7.72
CA ARG B 108 -20.27 15.83 -7.59
C ARG B 108 -19.26 14.89 -8.14
N ASN B 109 -18.03 15.40 -8.24
CA ASN B 109 -16.95 14.64 -8.80
C ASN B 109 -15.66 15.03 -8.12
N ALA B 110 -15.13 14.12 -7.32
CA ALA B 110 -13.85 14.33 -6.61
C ALA B 110 -12.62 14.02 -7.49
N HIS B 111 -12.83 13.56 -8.72
CA HIS B 111 -11.73 13.21 -9.65
C HIS B 111 -10.77 12.23 -8.98
N SER B 112 -11.35 11.12 -8.53
CA SER B 112 -10.61 10.12 -7.77
C SER B 112 -11.37 8.79 -7.80
N ALA B 113 -10.70 7.73 -7.39
CA ALA B 113 -11.31 6.40 -7.35
C ALA B 113 -10.67 5.62 -6.24
N THR B 114 -11.48 4.85 -5.52
CA THR B 114 -11.00 3.93 -4.49
C THR B 114 -11.25 2.51 -4.91
N THR B 115 -10.24 1.67 -4.68
CA THR B 115 -10.42 0.22 -4.78
C THR B 115 -10.24 -0.39 -3.40
N TRP B 116 -11.16 -1.29 -3.04
CA TRP B 116 -11.03 -2.11 -1.85
C TRP B 116 -10.69 -3.55 -2.26
N SER B 117 -9.66 -4.11 -1.62
CA SER B 117 -9.21 -5.49 -1.86
C SER B 117 -9.27 -6.19 -0.51
N GLY B 118 -9.90 -7.36 -0.45
CA GLY B 118 -10.01 -8.01 0.85
C GLY B 118 -10.62 -9.37 0.78
N GLN B 119 -11.18 -9.76 1.93
CA GLN B 119 -11.84 -11.05 2.01
C GLN B 119 -13.03 -10.99 2.95
N TYR B 120 -14.07 -11.73 2.57
CA TYR B 120 -15.24 -11.93 3.39
C TYR B 120 -14.99 -13.13 4.33
N VAL B 121 -15.34 -12.94 5.60
CA VAL B 121 -15.20 -13.93 6.65
C VAL B 121 -16.59 -14.16 7.21
N GLY B 122 -17.08 -15.39 7.10
CA GLY B 122 -18.43 -15.74 7.54
C GLY B 122 -18.50 -16.08 9.01
N GLY B 123 -19.70 -16.44 9.46
CA GLY B 123 -19.96 -16.87 10.84
C GLY B 123 -20.67 -15.83 11.68
N ALA B 124 -20.65 -16.03 12.99
CA ALA B 124 -21.32 -15.15 13.94
C ALA B 124 -20.61 -13.80 14.12
N GLU B 125 -19.36 -13.71 13.68
CA GLU B 125 -18.63 -12.48 13.68
C GLU B 125 -18.33 -12.07 12.21
N ALA B 126 -19.36 -12.10 11.35
CA ALA B 126 -19.13 -11.94 9.88
C ALA B 126 -18.58 -10.58 9.56
N ARG B 127 -17.62 -10.56 8.66
CA ARG B 127 -16.89 -9.35 8.34
C ARG B 127 -16.45 -9.36 6.90
N ILE B 128 -16.25 -8.18 6.33
CA ILE B 128 -15.44 -8.05 5.13
C ILE B 128 -14.24 -7.19 5.54
N ASN B 129 -13.04 -7.80 5.51
CA ASN B 129 -11.82 -7.13 5.92
C ASN B 129 -11.07 -6.69 4.67
N THR B 130 -10.82 -5.37 4.57
CA THR B 130 -10.25 -4.80 3.35
C THR B 130 -9.10 -3.88 3.63
N GLN B 131 -8.30 -3.72 2.59
CA GLN B 131 -7.36 -2.61 2.47
C GLN B 131 -7.73 -1.88 1.18
N TRP B 132 -7.48 -0.58 1.14
CA TRP B 132 -7.94 0.22 0.00
C TRP B 132 -6.87 1.19 -0.49
N LEU B 133 -7.02 1.57 -1.75
CA LEU B 133 -6.16 2.53 -2.42
C LEU B 133 -7.06 3.58 -3.08
N LEU B 134 -6.87 4.84 -2.70
CA LEU B 134 -7.64 5.97 -3.24
C LEU B 134 -6.69 6.80 -4.10
N THR B 135 -6.83 6.71 -5.42
CA THR B 135 -6.00 7.51 -6.33
C THR B 135 -6.79 8.70 -6.83
N SER B 136 -6.18 9.88 -6.68
CA SER B 136 -6.69 11.10 -7.26
CA SER B 136 -6.68 11.12 -7.25
C SER B 136 -6.02 11.38 -8.60
N GLY B 137 -6.78 11.93 -9.53
CA GLY B 137 -6.18 12.46 -10.74
C GLY B 137 -5.27 13.64 -10.39
N THR B 138 -4.03 13.61 -10.85
CA THR B 138 -3.06 14.65 -10.54
C THR B 138 -2.31 15.03 -11.79
N THR B 139 -1.59 16.13 -11.71
CA THR B 139 -0.55 16.42 -12.68
C THR B 139 0.60 15.46 -12.44
N GLU B 140 1.53 15.40 -13.39
CA GLU B 140 2.69 14.54 -13.21
C GLU B 140 3.56 15.02 -12.06
N ALA B 141 3.67 16.33 -11.90
CA ALA B 141 4.48 16.89 -10.81
C ALA B 141 3.95 16.51 -9.42
N ASN B 142 2.63 16.26 -9.32
CA ASN B 142 2.03 15.86 -8.06
C ASN B 142 1.71 14.36 -7.98
N ALA B 143 2.16 13.57 -8.97
CA ALA B 143 1.77 12.15 -9.01
C ALA B 143 2.37 11.34 -7.86
N TRP B 144 3.50 11.78 -7.30
CA TRP B 144 4.11 11.06 -6.20
C TRP B 144 3.17 10.96 -5.00
N LYS B 145 2.28 11.93 -4.86
CA LYS B 145 1.35 12.02 -3.75
C LYS B 145 -0.12 11.81 -4.19
N SER B 146 -0.31 11.04 -5.25
CA SER B 146 -1.64 10.78 -5.81
C SER B 146 -2.49 9.77 -5.02
N THR B 147 -1.86 8.91 -4.22
CA THR B 147 -2.53 7.70 -3.72
C THR B 147 -2.48 7.56 -2.23
N LEU B 148 -3.68 7.55 -1.62
CA LEU B 148 -3.87 7.24 -0.22
C LEU B 148 -4.10 5.75 -0.04
N VAL B 149 -3.66 5.23 1.11
CA VAL B 149 -3.89 3.84 1.48
C VAL B 149 -4.51 3.76 2.87
N GLY B 150 -5.40 2.79 3.07
CA GLY B 150 -5.97 2.58 4.37
C GLY B 150 -6.64 1.23 4.45
N HIS B 151 -7.45 1.07 5.49
CA HIS B 151 -8.14 -0.20 5.73
C HIS B 151 -9.54 0.07 6.21
N ASP B 152 -10.48 -0.78 5.79
CA ASP B 152 -11.89 -0.70 6.21
CA ASP B 152 -11.89 -0.72 6.21
C ASP B 152 -12.33 -2.11 6.61
N THR B 153 -13.05 -2.19 7.72
CA THR B 153 -13.67 -3.45 8.13
CA THR B 153 -13.69 -3.42 8.18
C THR B 153 -15.19 -3.23 8.14
N PHE B 154 -15.87 -4.08 7.39
CA PHE B 154 -17.33 -4.01 7.24
C PHE B 154 -18.00 -5.08 8.07
N THR B 155 -19.12 -4.71 8.69
CA THR B 155 -19.94 -5.61 9.52
C THR B 155 -21.38 -5.56 9.02
N LYS B 156 -22.18 -6.55 9.45
CA LYS B 156 -23.58 -6.65 9.05
C LYS B 156 -24.50 -5.79 9.88
N VAL B 157 -24.03 -5.25 11.00
CA VAL B 157 -24.85 -4.36 11.84
C VAL B 157 -24.05 -3.08 12.05
N LYS B 158 -24.75 -1.96 12.19
CA LYS B 158 -24.11 -0.65 12.29
C LYS B 158 -23.19 -0.56 13.50
N ALA C 39 7.35 12.69 25.08
CA ALA C 39 6.67 12.27 23.82
C ALA C 39 5.57 11.20 23.96
N GLY C 40 5.60 10.40 25.03
CA GLY C 40 4.61 9.33 25.24
C GLY C 40 4.91 8.04 24.50
N ILE C 41 5.82 8.11 23.53
CA ILE C 41 6.14 7.01 22.67
C ILE C 41 7.02 5.98 23.37
N THR C 42 8.01 6.44 24.14
CA THR C 42 8.87 5.50 24.83
C THR C 42 8.08 4.55 25.71
N GLY C 43 8.37 3.25 25.62
CA GLY C 43 7.65 2.24 26.38
C GLY C 43 7.58 0.89 25.68
N THR C 44 6.81 -0.01 26.26
CA THR C 44 6.53 -1.34 25.72
C THR C 44 5.11 -1.35 25.20
N TRP C 45 4.97 -1.63 23.91
CA TRP C 45 3.73 -1.66 23.20
C TRP C 45 3.47 -3.08 22.68
N TYR C 46 2.19 -3.36 22.44
CA TYR C 46 1.78 -4.65 21.86
CA TYR C 46 1.71 -4.63 21.90
C TYR C 46 0.79 -4.39 20.74
N ASN C 47 0.96 -5.11 19.63
CA ASN C 47 0.00 -4.99 18.55
C ASN C 47 -1.20 -5.90 18.79
N GLN C 48 -2.13 -5.87 17.86
CA GLN C 48 -3.36 -6.61 17.98
C GLN C 48 -3.18 -8.14 18.01
N LEU C 49 -2.04 -8.63 17.52
CA LEU C 49 -1.69 -10.04 17.54
C LEU C 49 -0.75 -10.41 18.70
N GLY C 50 -0.39 -9.43 19.55
CA GLY C 50 0.52 -9.68 20.67
C GLY C 50 2.00 -9.60 20.35
N SER C 51 2.37 -9.07 19.20
CA SER C 51 3.79 -8.77 18.96
C SER C 51 4.20 -7.68 19.93
N THR C 52 5.46 -7.70 20.37
CA THR C 52 5.97 -6.81 21.41
C THR C 52 7.00 -5.80 20.82
N PHE C 53 6.69 -4.52 20.98
CA PHE C 53 7.46 -3.40 20.42
C PHE C 53 7.99 -2.60 21.61
N ILE C 54 9.30 -2.71 21.86
CA ILE C 54 9.95 -2.07 23.01
C ILE C 54 10.80 -0.95 22.41
N VAL C 55 10.42 0.29 22.67
CA VAL C 55 10.98 1.41 21.96
C VAL C 55 11.35 2.54 22.89
N THR C 56 12.40 3.25 22.50
CA THR C 56 12.83 4.47 23.16
C THR C 56 12.87 5.57 22.12
N ALA C 57 12.23 6.69 22.44
CA ALA C 57 12.18 7.87 21.61
C ALA C 57 13.20 8.84 22.17
N GLY C 58 14.29 9.04 21.42
CA GLY C 58 15.37 9.92 21.83
C GLY C 58 15.04 11.37 21.56
N ALA C 59 15.70 12.27 22.27
CA ALA C 59 15.46 13.71 22.07
C ALA C 59 15.77 14.21 20.66
N ASP C 60 16.67 13.50 19.98
CA ASP C 60 17.09 13.80 18.60
C ASP C 60 16.16 13.27 17.48
N GLY C 61 14.97 12.74 17.82
CA GLY C 61 14.07 12.18 16.82
C GLY C 61 14.30 10.71 16.51
N ALA C 62 15.23 10.06 17.22
CA ALA C 62 15.53 8.65 16.98
C ALA C 62 14.56 7.73 17.70
N LEU C 63 14.24 6.62 17.04
CA LEU C 63 13.61 5.46 17.67
C LEU C 63 14.59 4.31 17.65
N THR C 64 14.75 3.67 18.80
CA THR C 64 15.60 2.52 18.95
C THR C 64 14.88 1.51 19.81
N GLY C 65 15.20 0.24 19.66
CA GLY C 65 14.63 -0.79 20.53
C GLY C 65 14.62 -2.15 19.88
N THR C 66 13.62 -2.94 20.27
CA THR C 66 13.49 -4.31 19.79
C THR C 66 12.05 -4.65 19.48
N TYR C 67 11.88 -5.60 18.57
CA TYR C 67 10.58 -6.09 18.15
C TYR C 67 10.57 -7.60 18.21
N GLU C 68 9.49 -8.15 18.76
CA GLU C 68 9.32 -9.60 18.85
C GLU C 68 8.01 -9.95 18.17
N SER C 69 8.11 -10.72 17.07
CA SER C 69 6.95 -10.99 16.21
C SER C 69 6.13 -12.17 16.65
N ALA C 70 4.81 -11.95 16.76
CA ALA C 70 3.86 -13.02 17.02
C ALA C 70 3.53 -13.84 15.78
N VAL C 71 4.06 -13.47 14.60
CA VAL C 71 3.75 -14.22 13.38
C VAL C 71 5.02 -14.43 12.55
N GLY C 72 5.00 -15.45 11.69
CA GLY C 72 6.01 -15.64 10.66
C GLY C 72 7.27 -16.34 11.10
N ASN C 73 8.28 -16.25 10.22
CA ASN C 73 9.58 -16.91 10.36
C ASN C 73 10.47 -16.06 11.28
N ALA C 74 10.15 -16.11 12.58
CA ALA C 74 10.73 -15.18 13.56
C ALA C 74 10.83 -15.78 14.96
N GLU C 75 11.91 -15.46 15.66
CA GLU C 75 12.21 -15.98 16.99
C GLU C 75 12.90 -14.91 17.80
N SER C 76 12.44 -14.66 19.02
CA SER C 76 13.15 -13.78 19.94
C SER C 76 13.10 -12.34 19.42
N ARG C 77 13.97 -11.49 19.95
CA ARG C 77 13.97 -10.07 19.62
C ARG C 77 14.79 -9.76 18.38
N TYR C 78 14.33 -8.76 17.63
CA TYR C 78 15.07 -8.21 16.50
C TYR C 78 15.29 -6.74 16.75
N VAL C 79 16.43 -6.23 16.28
CA VAL C 79 16.72 -4.81 16.37
C VAL C 79 15.77 -4.00 15.49
N LEU C 80 15.33 -2.87 16.02
CA LEU C 80 14.67 -1.87 15.19
C LEU C 80 15.34 -0.52 15.33
N THR C 81 15.24 0.27 14.27
CA THR C 81 15.58 1.69 14.32
CA THR C 81 15.55 1.69 14.35
C THR C 81 14.54 2.46 13.51
N GLY C 82 14.32 3.71 13.87
CA GLY C 82 13.37 4.56 13.15
C GLY C 82 13.49 5.99 13.57
N ARG C 83 12.45 6.77 13.23
CA ARG C 83 12.43 8.19 13.47
C ARG C 83 11.02 8.59 13.85
N TYR C 84 10.91 9.69 14.58
CA TYR C 84 9.61 10.24 14.92
C TYR C 84 9.70 11.76 14.94
N ASP C 85 8.56 12.41 14.82
CA ASP C 85 8.49 13.88 14.89
C ASP C 85 8.64 14.30 16.35
N SER C 86 9.80 14.88 16.69
CA SER C 86 10.07 15.28 18.06
C SER C 86 9.45 16.64 18.41
N ALA C 87 8.80 17.31 17.47
CA ALA C 87 8.13 18.58 17.73
C ALA C 87 6.79 18.58 16.99
N PRO C 88 5.87 17.70 17.42
CA PRO C 88 4.59 17.57 16.72
C PRO C 88 3.73 18.84 16.76
N ALA C 89 2.78 18.94 15.84
CA ALA C 89 1.80 20.01 15.87
C ALA C 89 1.08 20.03 17.22
N THR C 90 0.59 21.21 17.60
CA THR C 90 -0.08 21.40 18.88
C THR C 90 -1.58 21.66 18.68
N ASP C 91 -2.14 21.09 17.61
CA ASP C 91 -3.51 21.34 17.17
C ASP C 91 -4.44 20.13 17.34
N GLY C 92 -3.98 19.10 18.06
CA GLY C 92 -4.75 17.86 18.24
C GLY C 92 -4.37 16.71 17.32
N SER C 93 -3.41 16.93 16.43
CA SER C 93 -2.95 15.90 15.50
C SER C 93 -2.02 14.92 16.21
N GLY C 94 -1.95 13.68 15.69
CA GLY C 94 -1.00 12.69 16.19
C GLY C 94 0.44 13.00 15.83
N THR C 95 1.32 12.15 16.32
CA THR C 95 2.77 12.30 16.13
C THR C 95 3.26 11.27 15.12
N ALA C 96 3.71 11.74 13.96
CA ALA C 96 4.17 10.81 12.92
C ALA C 96 5.45 10.08 13.33
N LEU C 97 5.55 8.82 12.92
CA LEU C 97 6.75 8.02 13.19
CA LEU C 97 6.73 8.00 13.22
C LEU C 97 6.84 6.84 12.24
N GLY C 98 8.01 6.23 12.21
CA GLY C 98 8.19 5.01 11.46
C GLY C 98 9.39 4.26 11.96
N TRP C 99 9.41 2.96 11.70
CA TRP C 99 10.57 2.16 12.04
C TRP C 99 10.70 0.96 11.14
N THR C 100 11.90 0.36 11.15
CA THR C 100 12.25 -0.81 10.35
C THR C 100 12.80 -1.91 11.24
N VAL C 101 12.41 -3.14 10.91
CA VAL C 101 13.06 -4.36 11.37
C VAL C 101 13.52 -5.13 10.14
N ALA C 102 14.81 -5.47 10.07
CA ALA C 102 15.28 -6.51 9.17
C ALA C 102 15.23 -7.80 9.95
N TRP C 103 14.63 -8.84 9.36
CA TRP C 103 14.30 -10.05 10.11
C TRP C 103 15.49 -11.03 10.20
N LYS C 104 16.63 -10.48 10.63
CA LYS C 104 17.83 -11.24 10.92
C LYS C 104 18.21 -10.96 12.37
N ASN C 105 18.41 -12.02 13.12
CA ASN C 105 19.03 -11.92 14.43
C ASN C 105 19.98 -13.09 14.59
N ASN C 106 20.41 -13.38 15.82
CA ASN C 106 21.40 -14.44 16.04
C ASN C 106 20.80 -15.82 15.85
N TYR C 107 19.47 -15.92 15.79
CA TYR C 107 18.76 -17.20 15.73
C TYR C 107 18.34 -17.58 14.33
N ARG C 108 17.88 -16.61 13.53
CA ARG C 108 17.41 -16.93 12.18
C ARG C 108 17.43 -15.70 11.30
N ASN C 109 17.25 -15.94 10.01
CA ASN C 109 17.25 -14.86 9.03
C ASN C 109 16.22 -15.17 7.96
N ALA C 110 15.15 -14.38 7.96
CA ALA C 110 14.04 -14.55 7.02
C ALA C 110 14.30 -13.86 5.68
N HIS C 111 15.44 -13.14 5.56
CA HIS C 111 15.78 -12.43 4.33
C HIS C 111 14.64 -11.49 3.90
N SER C 112 14.28 -10.61 4.82
CA SER C 112 13.12 -9.74 4.64
C SER C 112 13.21 -8.60 5.62
N ALA C 113 12.39 -7.59 5.39
CA ALA C 113 12.35 -6.41 6.27
C ALA C 113 10.96 -5.84 6.29
N THR C 114 10.49 -5.45 7.48
CA THR C 114 9.23 -4.73 7.61
C THR C 114 9.49 -3.30 8.00
N THR C 115 8.75 -2.39 7.38
CA THR C 115 8.67 -1.03 7.85
C THR C 115 7.25 -0.72 8.29
N TRP C 116 7.11 -0.08 9.44
CA TRP C 116 5.84 0.42 9.96
C TRP C 116 5.87 1.93 9.86
N SER C 117 4.83 2.51 9.26
CA SER C 117 4.64 3.95 9.14
C SER C 117 3.33 4.31 9.81
N GLY C 118 3.33 5.31 10.68
CA GLY C 118 2.11 5.61 11.39
C GLY C 118 2.15 6.85 12.21
N GLN C 119 1.23 6.90 13.17
CA GLN C 119 1.20 8.00 14.12
C GLN C 119 0.79 7.54 15.50
N TYR C 120 1.41 8.18 16.49
CA TYR C 120 1.06 8.06 17.89
C TYR C 120 -0.07 9.01 18.21
N VAL C 121 -1.09 8.49 18.84
CA VAL C 121 -2.30 9.24 19.15
C VAL C 121 -2.40 9.28 20.66
N GLY C 122 -2.05 10.43 21.23
CA GLY C 122 -2.22 10.68 22.64
C GLY C 122 -3.71 10.72 22.90
N GLY C 123 -4.12 9.98 23.91
CA GLY C 123 -5.52 9.98 24.32
C GLY C 123 -5.64 9.34 25.68
N ALA C 124 -6.89 9.06 26.05
CA ALA C 124 -7.19 8.33 27.28
C ALA C 124 -6.46 6.98 27.29
N GLU C 125 -6.52 6.30 26.14
CA GLU C 125 -5.79 5.06 25.88
C GLU C 125 -4.88 5.34 24.70
N ALA C 126 -3.62 5.61 24.97
CA ALA C 126 -2.67 5.96 23.92
C ALA C 126 -2.54 4.79 22.93
N ARG C 127 -2.36 5.15 21.67
CA ARG C 127 -2.33 4.19 20.59
C ARG C 127 -1.32 4.62 19.54
N ILE C 128 -0.68 3.64 18.91
CA ILE C 128 0.10 3.89 17.70
C ILE C 128 -0.58 3.12 16.57
N ASN C 129 -1.06 3.86 15.59
CA ASN C 129 -1.76 3.25 14.45
C ASN C 129 -0.82 3.25 13.27
N THR C 130 -0.59 2.08 12.69
CA THR C 130 0.36 1.97 11.59
C THR C 130 -0.18 1.18 10.41
N GLN C 131 0.47 1.41 9.28
CA GLN C 131 0.43 0.46 8.18
CA GLN C 131 0.44 0.61 8.05
C GLN C 131 1.87 0.07 7.90
N TRP C 132 2.03 -1.12 7.32
CA TRP C 132 3.34 -1.71 7.16
C TRP C 132 3.53 -2.35 5.83
N LEU C 133 4.82 -2.43 5.45
CA LEU C 133 5.27 -3.10 4.23
C LEU C 133 6.36 -4.08 4.58
N LEU C 134 6.17 -5.35 4.21
CA LEU C 134 7.13 -6.41 4.50
C LEU C 134 7.68 -6.89 3.17
N THR C 135 8.92 -6.51 2.87
CA THR C 135 9.55 -6.89 1.61
C THR C 135 10.51 -8.03 1.84
N SER C 136 10.37 -9.10 1.07
CA SER C 136 11.31 -10.21 1.05
CA SER C 136 11.33 -10.20 1.08
C SER C 136 12.31 -10.02 -0.06
N GLY C 137 13.55 -10.46 0.18
CA GLY C 137 14.50 -10.54 -0.91
C GLY C 137 14.04 -11.64 -1.85
N THR C 138 13.97 -11.34 -3.14
CA THR C 138 13.46 -12.31 -4.13
C THR C 138 14.37 -12.27 -5.36
N THR C 139 14.19 -13.26 -6.22
CA THR C 139 14.71 -13.15 -7.57
C THR C 139 13.92 -12.07 -8.31
N GLU C 140 14.46 -11.60 -9.44
CA GLU C 140 13.70 -10.63 -10.23
C GLU C 140 12.35 -11.23 -10.70
N ALA C 141 12.35 -12.52 -11.09
CA ALA C 141 11.12 -13.16 -11.55
C ALA C 141 10.03 -13.23 -10.49
N ASN C 142 10.44 -13.25 -9.21
CA ASN C 142 9.49 -13.30 -8.10
C ASN C 142 9.24 -11.93 -7.44
N ALA C 143 9.81 -10.86 -7.98
CA ALA C 143 9.76 -9.55 -7.32
C ALA C 143 8.33 -9.01 -7.27
N TRP C 144 7.48 -9.39 -8.22
CA TRP C 144 6.10 -8.94 -8.22
C TRP C 144 5.38 -9.32 -6.93
N LYS C 145 5.79 -10.42 -6.30
CA LYS C 145 5.17 -10.91 -5.06
C LYS C 145 6.12 -10.78 -3.87
N SER C 146 6.98 -9.78 -3.91
CA SER C 146 7.95 -9.54 -2.85
C SER C 146 7.38 -8.87 -1.60
N THR C 147 6.25 -8.15 -1.71
CA THR C 147 5.90 -7.20 -0.67
C THR C 147 4.49 -7.44 -0.13
N LEU C 148 4.39 -7.79 1.15
CA LEU C 148 3.11 -7.85 1.87
C LEU C 148 2.80 -6.47 2.47
N VAL C 149 1.50 -6.21 2.63
CA VAL C 149 1.05 -4.97 3.26
C VAL C 149 -0.03 -5.30 4.30
N GLY C 150 -0.04 -4.54 5.38
CA GLY C 150 -1.06 -4.67 6.39
C GLY C 150 -1.11 -3.50 7.31
N HIS C 151 -1.88 -3.63 8.39
CA HIS C 151 -2.03 -2.54 9.37
C HIS C 151 -1.99 -3.13 10.76
N ASP C 152 -1.18 -2.49 11.61
CA ASP C 152 -1.04 -2.89 13.01
C ASP C 152 -1.40 -1.69 13.89
N THR C 153 -2.14 -1.96 14.97
CA THR C 153 -2.42 -0.95 15.99
C THR C 153 -1.85 -1.44 17.32
N PHE C 154 -1.14 -0.54 17.98
CA PHE C 154 -0.38 -0.83 19.19
C PHE C 154 -0.99 -0.08 20.37
N THR C 155 -1.10 -0.74 21.51
CA THR C 155 -1.43 -0.08 22.77
C THR C 155 -0.41 -0.50 23.81
N LYS C 156 -0.32 0.30 24.87
CA LYS C 156 0.58 -0.04 25.97
C LYS C 156 -0.01 -1.12 26.86
N VAL C 157 -1.21 -1.55 26.54
CA VAL C 157 -1.84 -2.65 27.23
C VAL C 157 -1.98 -3.76 26.21
N LYS C 158 -1.62 -4.95 26.61
CA LYS C 158 -1.65 -6.08 25.71
C LYS C 158 -3.08 -6.54 25.47
N ALA D 39 -12.27 9.38 -24.01
CA ALA D 39 -11.58 9.07 -22.72
C ALA D 39 -10.13 8.55 -22.90
N GLY D 40 -9.86 7.86 -24.02
CA GLY D 40 -8.53 7.30 -24.31
C GLY D 40 -8.22 5.96 -23.64
N ILE D 41 -9.11 5.49 -22.78
CA ILE D 41 -8.87 4.32 -21.94
C ILE D 41 -9.17 3.02 -22.67
N THR D 42 -10.24 3.00 -23.48
CA THR D 42 -10.58 1.80 -24.24
C THR D 42 -9.42 1.33 -25.10
N GLY D 43 -9.07 0.06 -24.97
CA GLY D 43 -8.03 -0.53 -25.80
C GLY D 43 -7.33 -1.70 -25.15
N THR D 44 -6.23 -2.14 -25.77
CA THR D 44 -5.40 -3.18 -25.22
C THR D 44 -4.12 -2.54 -24.67
N TRP D 45 -3.85 -2.83 -23.40
CA TRP D 45 -2.72 -2.29 -22.66
C TRP D 45 -1.88 -3.44 -22.15
N TYR D 46 -0.60 -3.13 -21.92
CA TYR D 46 0.38 -4.09 -21.44
CA TYR D 46 0.37 -4.10 -21.45
C TYR D 46 1.12 -3.46 -20.29
N ASN D 47 1.29 -4.20 -19.20
CA ASN D 47 2.12 -3.71 -18.12
C ASN D 47 3.59 -3.98 -18.40
N GLN D 48 4.43 -3.62 -17.44
CA GLN D 48 5.88 -3.69 -17.61
C GLN D 48 6.42 -5.12 -17.77
N LEU D 49 5.61 -6.13 -17.38
CA LEU D 49 5.96 -7.53 -17.59
C LEU D 49 5.17 -8.20 -18.69
N GLY D 50 4.39 -7.41 -19.43
CA GLY D 50 3.64 -7.93 -20.58
C GLY D 50 2.29 -8.52 -20.25
N SER D 51 1.85 -8.46 -18.99
CA SER D 51 0.50 -8.88 -18.65
C SER D 51 -0.43 -7.95 -19.43
N THR D 52 -1.54 -8.51 -19.92
CA THR D 52 -2.35 -7.88 -20.94
C THR D 52 -3.78 -7.53 -20.47
N PHE D 53 -4.12 -6.25 -20.56
CA PHE D 53 -5.33 -5.64 -19.99
C PHE D 53 -6.16 -5.14 -21.16
N ILE D 54 -7.26 -5.84 -21.44
CA ILE D 54 -8.13 -5.53 -22.57
C ILE D 54 -9.40 -4.94 -22.00
N VAL D 55 -9.63 -3.66 -22.25
CA VAL D 55 -10.64 -2.92 -21.52
C VAL D 55 -11.49 -2.04 -22.42
N THR D 56 -12.74 -1.87 -21.99
CA THR D 56 -13.64 -0.94 -22.61
C THR D 56 -14.18 0.00 -21.54
N ALA D 57 -14.16 1.29 -21.84
CA ALA D 57 -14.62 2.33 -20.96
C ALA D 57 -15.95 2.83 -21.49
N GLY D 58 -17.01 2.58 -20.71
CA GLY D 58 -18.38 2.87 -21.12
C GLY D 58 -18.77 4.28 -20.74
N ALA D 59 -19.87 4.75 -21.32
CA ALA D 59 -20.27 6.17 -21.17
C ALA D 59 -20.57 6.58 -19.71
N ASP D 60 -21.00 5.60 -18.94
CA ASP D 60 -21.46 5.76 -17.57
C ASP D 60 -20.37 5.68 -16.47
N GLY D 61 -19.10 5.54 -16.87
CA GLY D 61 -18.02 5.27 -15.92
C GLY D 61 -17.64 3.81 -15.72
N ALA D 62 -18.22 2.91 -16.50
CA ALA D 62 -17.93 1.49 -16.38
C ALA D 62 -16.63 1.10 -17.08
N LEU D 63 -15.85 0.21 -16.47
CA LEU D 63 -14.78 -0.52 -17.13
C LEU D 63 -15.16 -1.99 -17.16
N THR D 64 -14.98 -2.62 -18.32
CA THR D 64 -15.25 -4.06 -18.49
C THR D 64 -14.16 -4.65 -19.38
N GLY D 65 -13.85 -5.92 -19.22
CA GLY D 65 -12.88 -6.55 -20.09
C GLY D 65 -12.25 -7.80 -19.52
N THR D 66 -11.00 -8.06 -19.94
CA THR D 66 -10.27 -9.23 -19.51
C THR D 66 -8.83 -8.88 -19.19
N TYR D 67 -8.24 -9.73 -18.38
CA TYR D 67 -6.85 -9.62 -17.97
C TYR D 67 -6.18 -10.97 -18.13
N GLU D 68 -4.96 -10.99 -18.70
CA GLU D 68 -4.28 -12.25 -18.94
C GLU D 68 -2.74 -12.11 -18.86
N SER D 69 -2.04 -13.24 -18.94
CA SER D 69 -0.56 -13.28 -18.91
C SER D 69 0.02 -12.86 -20.26
N ALA D 70 1.31 -12.55 -20.27
CA ALA D 70 2.04 -12.26 -21.52
C ALA D 70 2.05 -13.43 -22.48
N VAL D 71 1.94 -14.66 -21.96
CA VAL D 71 1.88 -15.85 -22.79
C VAL D 71 0.63 -15.83 -23.68
N GLY D 72 -0.47 -15.23 -23.19
CA GLY D 72 -1.66 -15.04 -24.03
C GLY D 72 -2.53 -16.28 -24.14
N ASN D 73 -2.29 -17.29 -23.29
CA ASN D 73 -3.05 -18.54 -23.34
C ASN D 73 -4.37 -18.39 -22.59
N ALA D 74 -5.39 -19.09 -23.09
CA ALA D 74 -6.73 -19.02 -22.51
C ALA D 74 -6.78 -19.33 -21.03
N GLU D 75 -5.95 -20.28 -20.56
CA GLU D 75 -5.93 -20.67 -19.14
C GLU D 75 -5.54 -19.52 -18.20
N SER D 76 -4.87 -18.47 -18.73
CA SER D 76 -4.41 -17.36 -17.92
C SER D 76 -5.31 -16.12 -18.01
N ARG D 77 -6.49 -16.25 -18.64
CA ARG D 77 -7.39 -15.11 -18.90
C ARG D 77 -8.59 -15.04 -17.95
N TYR D 78 -8.87 -13.84 -17.42
CA TYR D 78 -9.86 -13.65 -16.39
C TYR D 78 -10.71 -12.42 -16.65
N VAL D 79 -11.94 -12.43 -16.11
CA VAL D 79 -12.85 -11.30 -16.22
C VAL D 79 -12.42 -10.15 -15.29
N LEU D 80 -12.60 -8.91 -15.76
CA LEU D 80 -12.42 -7.72 -14.89
C LEU D 80 -13.61 -6.79 -15.01
N THR D 81 -13.85 -6.07 -13.92
CA THR D 81 -14.76 -4.94 -13.94
CA THR D 81 -14.75 -4.92 -13.96
C THR D 81 -14.20 -3.80 -13.09
N GLY D 82 -14.56 -2.58 -13.42
CA GLY D 82 -14.08 -1.44 -12.67
C GLY D 82 -14.85 -0.18 -13.00
N ARG D 83 -14.26 0.95 -12.59
CA ARG D 83 -14.90 2.25 -12.75
C ARG D 83 -13.83 3.26 -13.09
N TYR D 84 -14.21 4.32 -13.80
CA TYR D 84 -13.29 5.44 -14.09
C TYR D 84 -14.06 6.73 -14.01
N ASP D 85 -13.34 7.83 -13.86
CA ASP D 85 -13.91 9.16 -13.88
C ASP D 85 -14.23 9.52 -15.32
N SER D 86 -15.53 9.54 -15.63
CA SER D 86 -15.99 9.82 -16.98
C SER D 86 -16.03 11.31 -17.33
N ALA D 87 -15.72 12.19 -16.39
CA ALA D 87 -15.62 13.63 -16.68
C ALA D 87 -14.44 14.22 -15.93
N PRO D 88 -13.22 13.85 -16.37
CA PRO D 88 -12.04 14.31 -15.64
C PRO D 88 -11.86 15.83 -15.69
N ALA D 89 -11.04 16.33 -14.78
CA ALA D 89 -10.66 17.73 -14.78
C ALA D 89 -10.03 18.07 -16.14
N THR D 90 -10.14 19.33 -16.51
CA THR D 90 -9.57 19.83 -17.77
C THR D 90 -8.31 20.72 -17.53
N ASP D 91 -7.64 20.52 -16.40
CA ASP D 91 -6.48 21.31 -15.95
C ASP D 91 -5.14 20.61 -16.15
N GLY D 92 -5.13 19.52 -16.90
CA GLY D 92 -3.93 18.71 -17.10
C GLY D 92 -3.75 17.56 -16.14
N SER D 93 -4.67 17.39 -15.18
CA SER D 93 -4.68 16.22 -14.28
C SER D 93 -5.04 14.93 -15.01
N GLY D 94 -4.58 13.81 -14.48
CA GLY D 94 -4.98 12.50 -15.01
C GLY D 94 -6.41 12.13 -14.67
N THR D 95 -6.80 10.98 -15.21
CA THR D 95 -8.15 10.42 -15.05
C THR D 95 -8.10 9.24 -14.10
N ALA D 96 -8.72 9.39 -12.95
CA ALA D 96 -8.72 8.33 -11.95
C ALA D 96 -9.54 7.11 -12.39
N LEU D 97 -9.08 5.93 -12.01
CA LEU D 97 -9.76 4.70 -12.34
CA LEU D 97 -9.75 4.69 -12.36
C LEU D 97 -9.32 3.56 -11.44
N GLY D 98 -10.10 2.49 -11.46
CA GLY D 98 -9.69 1.27 -10.79
C GLY D 98 -10.43 0.07 -11.35
N TRP D 99 -9.87 -1.12 -11.14
CA TRP D 99 -10.58 -2.33 -11.54
C TRP D 99 -10.15 -3.51 -10.69
N THR D 100 -10.97 -4.57 -10.76
CA THR D 100 -10.76 -5.80 -9.99
C THR D 100 -10.76 -7.01 -10.90
N VAL D 101 -9.86 -7.95 -10.61
CA VAL D 101 -9.94 -9.32 -11.12
C VAL D 101 -9.97 -10.28 -9.94
N ALA D 102 -10.99 -11.16 -9.91
CA ALA D 102 -10.94 -12.34 -9.04
C ALA D 102 -10.31 -13.46 -9.85
N TRP D 103 -9.31 -14.12 -9.26
CA TRP D 103 -8.47 -15.09 -9.99
C TRP D 103 -9.09 -16.47 -10.06
N LYS D 104 -10.32 -16.48 -10.59
CA LYS D 104 -11.07 -17.70 -10.88
C LYS D 104 -11.50 -17.60 -12.32
N ASN D 105 -11.19 -18.64 -13.09
CA ASN D 105 -11.75 -18.81 -14.41
C ASN D 105 -12.10 -20.29 -14.59
N ASN D 106 -12.33 -20.75 -15.81
CA ASN D 106 -12.72 -22.14 -16.02
C ASN D 106 -11.57 -23.15 -15.81
N TYR D 107 -10.34 -22.67 -15.62
CA TYR D 107 -9.15 -23.52 -15.52
C TYR D 107 -8.47 -23.52 -14.17
N ARG D 108 -8.63 -22.45 -13.39
CA ARG D 108 -7.89 -22.28 -12.17
C ARG D 108 -8.71 -21.47 -11.20
N ASN D 109 -8.56 -21.76 -9.92
CA ASN D 109 -9.06 -20.87 -8.89
C ASN D 109 -7.94 -20.69 -7.86
N ALA D 110 -7.33 -19.51 -7.83
CA ALA D 110 -6.29 -19.15 -6.88
C ALA D 110 -6.82 -18.67 -5.53
N HIS D 111 -8.15 -18.53 -5.40
CA HIS D 111 -8.77 -18.05 -4.18
C HIS D 111 -8.17 -16.72 -3.77
N SER D 112 -8.26 -15.77 -4.69
CA SER D 112 -7.60 -14.46 -4.51
C SER D 112 -8.21 -13.46 -5.48
N ALA D 113 -7.92 -12.18 -5.22
CA ALA D 113 -8.41 -11.10 -6.06
C ALA D 113 -7.45 -9.94 -6.00
N THR D 114 -7.29 -9.25 -7.13
CA THR D 114 -6.45 -8.06 -7.21
C THR D 114 -7.28 -6.86 -7.62
N THR D 115 -7.00 -5.74 -6.95
CA THR D 115 -7.51 -4.47 -7.40
C THR D 115 -6.36 -3.55 -7.81
N TRP D 116 -6.50 -2.91 -8.96
CA TRP D 116 -5.60 -1.87 -9.43
C TRP D 116 -6.29 -0.52 -9.26
N SER D 117 -5.59 0.45 -8.63
CA SER D 117 -6.09 1.81 -8.44
C SER D 117 -5.07 2.75 -9.08
N GLY D 118 -5.50 3.68 -9.91
CA GLY D 118 -4.52 4.53 -10.59
C GLY D 118 -5.12 5.65 -11.36
N GLN D 119 -4.34 6.15 -12.30
CA GLN D 119 -4.81 7.18 -13.20
C GLN D 119 -4.25 7.00 -14.59
N TYR D 120 -5.10 7.33 -15.56
CA TYR D 120 -4.74 7.45 -16.97
C TYR D 120 -4.16 8.82 -17.22
N VAL D 121 -3.02 8.82 -17.89
CA VAL D 121 -2.29 10.03 -18.25
C VAL D 121 -2.26 10.09 -19.77
N GLY D 122 -3.03 11.03 -20.35
CA GLY D 122 -3.06 11.23 -21.79
C GLY D 122 -1.85 11.94 -22.35
N GLY D 123 -1.91 12.24 -23.64
CA GLY D 123 -0.85 12.97 -24.33
C GLY D 123 -0.08 12.09 -25.30
N ALA D 124 1.14 12.52 -25.63
CA ALA D 124 1.98 11.88 -26.66
C ALA D 124 2.03 10.36 -26.50
N GLU D 125 2.55 9.87 -25.38
CA GLU D 125 2.43 8.44 -25.04
C GLU D 125 1.48 8.21 -23.84
N ALA D 126 0.31 7.70 -24.17
CA ALA D 126 -0.68 7.40 -23.14
C ALA D 126 -0.16 6.32 -22.18
N ARG D 127 -0.50 6.47 -20.90
CA ARG D 127 -0.04 5.55 -19.88
C ARG D 127 -1.11 5.44 -18.81
N ILE D 128 -1.22 4.26 -18.18
CA ILE D 128 -2.03 4.10 -16.97
C ILE D 128 -1.08 3.69 -15.86
N ASN D 129 -0.96 4.53 -14.84
CA ASN D 129 -0.07 4.27 -13.70
C ASN D 129 -0.89 3.80 -12.53
N THR D 130 -0.57 2.62 -11.99
CA THR D 130 -1.38 2.03 -10.94
C THR D 130 -0.53 1.52 -9.78
N GLN D 131 -1.22 1.36 -8.66
CA GLN D 131 -0.79 0.52 -7.55
C GLN D 131 -1.87 -0.53 -7.35
N TRP D 132 -1.47 -1.68 -6.84
CA TRP D 132 -2.41 -2.78 -6.72
C TRP D 132 -2.28 -3.51 -5.40
N LEU D 133 -3.39 -4.16 -5.03
CA LEU D 133 -3.49 -4.99 -3.84
C LEU D 133 -4.05 -6.34 -4.24
N LEU D 134 -3.32 -7.41 -3.94
CA LEU D 134 -3.74 -8.80 -4.23
C LEU D 134 -4.01 -9.45 -2.89
N THR D 135 -5.29 -9.71 -2.59
CA THR D 135 -5.68 -10.39 -1.35
C THR D 135 -6.03 -11.84 -1.66
N SER D 136 -5.38 -12.75 -0.95
CA SER D 136 -5.73 -14.17 -0.96
CA SER D 136 -5.71 -14.17 -0.97
C SER D 136 -6.65 -14.48 0.20
N GLY D 137 -7.63 -15.35 -0.04
CA GLY D 137 -8.41 -15.92 1.06
C GLY D 137 -7.50 -16.64 2.04
N THR D 138 -7.64 -16.35 3.33
CA THR D 138 -6.78 -17.00 4.35
C THR D 138 -7.65 -17.31 5.55
N THR D 139 -7.16 -18.19 6.40
CA THR D 139 -7.72 -18.31 7.73
C THR D 139 -7.36 -17.04 8.53
N GLU D 140 -8.03 -16.84 9.66
CA GLU D 140 -7.71 -15.66 10.49
C GLU D 140 -6.25 -15.66 10.94
N ALA D 141 -5.73 -16.83 11.31
CA ALA D 141 -4.34 -16.96 11.76
C ALA D 141 -3.31 -16.57 10.69
N ASN D 142 -3.66 -16.76 9.42
CA ASN D 142 -2.80 -16.38 8.29
C ASN D 142 -3.14 -15.04 7.63
N ALA D 143 -4.09 -14.28 8.19
CA ALA D 143 -4.56 -13.06 7.53
C ALA D 143 -3.48 -11.99 7.46
N TRP D 144 -2.54 -12.01 8.41
CA TRP D 144 -1.39 -11.10 8.35
C TRP D 144 -0.63 -11.18 7.02
N LYS D 145 -0.61 -12.34 6.36
CA LYS D 145 0.11 -12.50 5.11
C LYS D 145 -0.82 -12.67 3.92
N SER D 146 -2.03 -12.12 4.03
CA SER D 146 -3.02 -12.24 2.98
C SER D 146 -2.82 -11.32 1.79
N THR D 147 -2.14 -10.19 1.96
CA THR D 147 -2.24 -9.12 0.96
C THR D 147 -0.86 -8.68 0.44
N LEU D 148 -0.67 -8.85 -0.86
CA LEU D 148 0.50 -8.34 -1.57
C LEU D 148 0.20 -6.96 -2.16
N VAL D 149 1.24 -6.13 -2.27
CA VAL D 149 1.12 -4.81 -2.88
C VAL D 149 2.20 -4.63 -3.93
N GLY D 150 1.86 -3.92 -4.99
CA GLY D 150 2.83 -3.58 -6.02
C GLY D 150 2.35 -2.44 -6.88
N HIS D 151 3.08 -2.22 -7.97
CA HIS D 151 2.76 -1.11 -8.87
C HIS D 151 2.97 -1.58 -10.29
N ASP D 152 1.98 -1.29 -11.14
CA ASP D 152 2.01 -1.63 -12.56
C ASP D 152 1.81 -0.37 -13.39
N THR D 153 2.61 -0.22 -14.44
CA THR D 153 2.41 0.86 -15.39
C THR D 153 2.11 0.21 -16.73
N PHE D 154 1.06 0.73 -17.38
CA PHE D 154 0.52 0.17 -18.61
C PHE D 154 0.70 1.12 -19.76
N THR D 155 1.07 0.58 -20.92
CA THR D 155 1.09 1.37 -22.15
C THR D 155 0.45 0.54 -23.26
N LYS D 156 0.24 1.14 -24.42
CA LYS D 156 -0.42 0.38 -25.51
C LYS D 156 0.60 -0.40 -26.36
N VAL D 157 1.86 -0.42 -25.96
CA VAL D 157 2.90 -1.22 -26.61
C VAL D 157 3.41 -2.31 -25.65
N LYS D 158 3.69 -3.50 -26.17
CA LYS D 158 4.34 -4.57 -25.39
C LYS D 158 5.72 -4.13 -24.93
N GLY E 3 -2.53 -21.25 -5.82
CA GLY E 3 -2.61 -19.88 -5.23
C GLY E 3 -1.73 -18.88 -5.95
N DLE E 4 -1.99 -17.61 -5.69
CA DLE E 4 -1.22 -16.49 -6.28
CB DLE E 4 -0.71 -15.62 -5.13
CG DLE E 4 0.30 -16.33 -4.21
CD1 DLE E 4 1.65 -16.52 -4.89
CD2 DLE E 4 0.40 -15.57 -2.88
C DLE E 4 -2.12 -15.62 -7.09
O DLE E 4 -3.22 -15.27 -6.63
N DAL E 5 -1.66 -15.22 -8.28
CA DAL E 5 -2.41 -14.35 -9.19
CB DAL E 5 -3.19 -15.22 -10.18
C DAL E 5 -1.39 -13.56 -9.97
O DAL E 5 -0.36 -14.10 -10.40
N DSG E 6 -1.69 -12.31 -10.24
CA DSG E 6 -0.66 -11.40 -10.80
C DSG E 6 -0.17 -11.88 -12.15
O DSG E 6 0.99 -11.63 -12.48
CB DSG E 6 -1.14 -9.97 -10.99
CG DSG E 6 -1.52 -9.32 -9.71
OD1 DSG E 6 -0.99 -8.31 -9.39
ND2 DSG E 6 -2.37 -9.80 -8.93
N DVA E 7 -1.01 -12.57 -12.93
CA DVA E 7 -0.56 -13.09 -14.22
CB DVA E 7 -1.71 -13.74 -15.02
CG1 DVA E 7 -2.42 -14.88 -14.29
CG2 DVA E 7 -2.69 -12.67 -15.41
C DVA E 7 0.56 -14.08 -14.11
O DVA E 7 1.27 -14.37 -15.11
N DAS E 8 0.75 -14.62 -12.91
CA DAS E 8 1.94 -15.49 -12.63
C DAS E 8 3.27 -14.82 -12.92
O DAS E 8 4.24 -15.50 -13.26
CB DAS E 8 1.91 -16.00 -11.19
CG DAS E 8 0.72 -16.88 -10.87
OD1 DAS E 8 0.05 -17.33 -11.81
OD2 DAS E 8 0.41 -17.13 -9.67
N DGL E 9 3.30 -13.49 -12.80
CA DGL E 9 4.52 -12.74 -13.07
C DGL E 9 4.97 -12.85 -14.51
O DGL E 9 6.14 -12.59 -14.79
CB DGL E 9 4.27 -11.27 -12.78
CG DGL E 9 3.46 -10.59 -13.89
CD DGL E 9 2.85 -9.27 -13.47
OE1 DGL E 9 2.05 -8.72 -14.25
OE2 DGL E 9 3.16 -8.74 -12.38
N DSN E 10 4.10 -13.20 -15.46
CA DSN E 10 4.45 -13.24 -16.88
C DSN E 10 4.02 -14.53 -17.53
O DSN E 10 3.86 -14.58 -18.75
CB DSN E 10 3.82 -12.03 -17.57
OG DSN E 10 2.38 -12.11 -17.54
N DSN E 11 3.91 -15.59 -16.72
CA DSN E 11 3.44 -16.90 -17.17
C DSN E 11 4.60 -17.84 -17.31
O DSN E 11 4.41 -19.00 -17.66
CB DSN E 11 2.43 -17.47 -16.15
OG DSN E 11 1.23 -16.72 -16.17
N DLE F 4 3.52 17.41 4.03
CA DLE F 4 3.95 16.51 2.92
CB DLE F 4 2.88 15.45 2.65
CG DLE F 4 1.52 15.96 2.17
CD1 DLE F 4 1.49 16.07 0.65
CD2 DLE F 4 0.39 15.03 2.58
C DLE F 4 5.26 15.82 3.23
O DLE F 4 5.40 15.22 4.30
N DAL F 5 6.21 15.90 2.31
CA DAL F 5 7.50 15.22 2.45
CB DAL F 5 8.54 16.18 3.00
C DAL F 5 7.92 14.79 1.07
O DAL F 5 7.82 15.56 0.16
N DSG F 6 8.47 13.60 0.92
CA DSG F 6 8.75 13.05 -0.41
C DSG F 6 9.73 13.91 -1.16
O DSG F 6 9.64 13.99 -2.36
CB DSG F 6 9.32 11.63 -0.37
CG DSG F 6 8.30 10.66 0.15
OD1 DSG F 6 7.75 9.80 -0.56
ND2 DSG F 6 8.01 10.78 1.40
N DVA F 7 10.65 14.58 -0.47
CA DVA F 7 11.58 15.51 -1.14
CB DVA F 7 12.63 16.07 -0.20
CG1 DVA F 7 12.04 16.87 0.95
CG2 DVA F 7 13.57 14.99 0.31
C DVA F 7 10.89 16.64 -1.88
O DVA F 7 11.49 17.22 -2.79
N DAS F 8 9.65 16.97 -1.52
CA DAS F 8 8.82 17.97 -2.26
C DAS F 8 8.67 17.58 -3.74
O DAS F 8 8.47 18.46 -4.58
CB DAS F 8 7.40 18.10 -1.64
CG DAS F 8 7.33 18.59 -0.19
OD1 DAS F 8 6.23 18.39 0.45
OD2 DAS F 8 8.32 19.18 0.32
N DGL F 9 8.81 16.30 -4.08
CA DGL F 9 8.72 15.83 -5.47
C DGL F 9 9.83 16.36 -6.37
O DGL F 9 9.70 16.33 -7.58
CB DGL F 9 8.76 14.30 -5.52
CG DGL F 9 10.19 13.75 -5.36
CD DGL F 9 10.23 12.28 -4.98
OE1 DGL F 9 9.21 11.58 -5.06
OE2 DGL F 9 11.37 11.89 -4.63
N DSN F 10 10.96 16.79 -5.77
CA DSN F 10 12.15 17.25 -6.53
C DSN F 10 12.63 18.56 -5.98
O DSN F 10 13.80 18.95 -6.23
CB DSN F 10 13.22 16.15 -6.53
OG DSN F 10 13.79 15.98 -5.23
N GLY G 3 -12.36 17.48 -3.82
CA GLY G 3 -11.57 16.21 -3.90
C GLY G 3 -11.65 15.38 -2.63
N DLE G 4 -11.12 14.15 -2.70
CA DLE G 4 -11.16 13.19 -1.59
CB DLE G 4 -9.74 12.72 -1.26
CG DLE G 4 -8.81 13.85 -0.82
CD1 DLE G 4 -8.92 14.12 0.68
CD2 DLE G 4 -7.35 13.53 -1.17
C DLE G 4 -11.97 11.96 -1.94
O DLE G 4 -11.84 11.40 -3.03
N DAL G 5 -12.77 11.50 -1.00
CA DAL G 5 -13.65 10.36 -1.20
CB DAL G 5 -15.00 10.83 -1.75
C DAL G 5 -13.87 9.76 0.17
O DAL G 5 -14.11 10.47 1.14
N DSG G 6 -13.85 8.44 0.25
CA DSG G 6 -13.84 7.73 1.56
C DSG G 6 -15.09 8.04 2.38
O DSG G 6 -15.00 8.14 3.59
CB DSG G 6 -13.62 6.21 1.45
CG DSG G 6 -12.38 5.90 0.65
OD1 DSG G 6 -11.39 5.46 1.04
ND2 DSG G 6 -12.25 6.18 -0.53
N DVA G 7 -16.24 8.23 1.73
CA DVA G 7 -17.46 8.61 2.44
CB DVA G 7 -18.65 8.71 1.48
CG1 DVA G 7 -18.49 9.77 0.38
CG2 DVA G 7 -18.99 7.32 0.94
C DVA G 7 -17.31 9.89 3.24
O DVA G 7 -18.08 10.13 4.18
N DAS G 8 -16.32 10.73 2.92
CA DAS G 8 -16.03 11.93 3.72
C DAS G 8 -15.76 11.62 5.17
O DAS G 8 -16.03 12.45 6.05
CB DAS G 8 -14.83 12.74 3.17
CG DAS G 8 -15.11 13.30 1.79
OD1 DAS G 8 -16.29 13.42 1.37
OD2 DAS G 8 -14.11 13.64 1.11
N DGL G 9 -15.24 10.42 5.45
CA DGL G 9 -14.95 9.96 6.82
C DGL G 9 -16.17 9.88 7.74
O DGL G 9 -15.99 9.87 8.97
CB DGL G 9 -14.29 8.57 6.78
CG DGL G 9 -15.33 7.45 6.57
CD DGL G 9 -14.73 6.16 6.05
OE1 DGL G 9 -15.53 5.32 5.55
OE2 DGL G 9 -13.50 5.98 6.14
N DSN G 10 -17.37 9.77 7.16
CA DSN G 10 -18.60 9.64 7.93
C DSN G 10 -19.67 10.53 7.39
O DSN G 10 -20.85 10.38 7.74
CB DSN G 10 -18.99 8.15 7.86
OG DSN G 10 -19.45 7.77 6.55
C1 IPA H . 4.01 -6.61 10.54
C2 IPA H . 4.72 -7.57 9.49
C3 IPA H . 6.17 -7.89 9.87
O2 IPA H . 3.82 -8.84 9.63
#